data_5ZOP
#
_entry.id   5ZOP
#
_cell.length_a   131.998
_cell.length_b   131.998
_cell.length_c   67.786
_cell.angle_alpha   90.000
_cell.angle_beta   90.000
_cell.angle_gamma   120.000
#
_symmetry.space_group_name_H-M   'P 31 2 1'
#
loop_
_entity.id
_entity.type
_entity.pdbx_description
1 polymer 'Histone deacetylase 4'
2 polymer 'SMRT corepressor SP2 fragment'
3 non-polymer 'POTASSIUM ION'
4 non-polymer 'ZINC ION'
5 water water
#
loop_
_entity_poly.entity_id
_entity_poly.type
_entity_poly.pdbx_seq_one_letter_code
_entity_poly.pdbx_strand_id
1 'polypeptide(L)'
;FTTGLVYDTLMLKHQCTCGSSSSHPEHAGRIQSIWSRLQETGLRGKCECIRGRKATLEELQTVHSEAHTLLYGTNPLNRQ
KLDSKKLLGSLASVFVRLPCGGVGVDSDTIWNEVHSAGAARLAVGCVVELVFKVATGELKNGFAVVRPPGHHAEESTPMG
FCYFNSVAVAAKLLQQRLSVSKILIVDWDVHHGNGTQQAFYSDPSVLYMSLHRYDDGNFFPGSGAPDEVGTGPGVGFNVN
MAFTGGLDPPMGDAEYLAAFRTVVMPIASEFAPDVVLVSSGFDAVEGHPTPLGGYNLSARCFGYLTKQLMGLAGGRIVLA
LEGGYDLTAICDASEACVSALLGNELDPLPEKVLQQRPNANAVRSMEKVMEIHSKYWRCLQRTTSTAGRSLIEAQTCEN
;
G
2 'polypeptide(L)' EGSITQGTPLKY A
#
loop_
_chem_comp.id
_chem_comp.type
_chem_comp.name
_chem_comp.formula
K non-polymer 'POTASSIUM ION' 'K 1'
ZN non-polymer 'ZINC ION' 'Zn 2'
#
# COMPACT_ATOMS: atom_id res chain seq x y z
N PHE A 1 -7.10 -5.98 -23.11
CA PHE A 1 -6.26 -4.78 -23.11
C PHE A 1 -4.99 -5.00 -22.31
N THR A 2 -3.92 -4.33 -22.72
CA THR A 2 -2.59 -4.59 -22.16
C THR A 2 -2.49 -4.13 -20.70
N THR A 3 -1.87 -4.96 -19.88
CA THR A 3 -1.35 -4.53 -18.59
C THR A 3 -0.03 -3.79 -18.78
N GLY A 4 0.26 -2.86 -17.89
CA GLY A 4 1.46 -2.06 -17.96
C GLY A 4 2.34 -2.22 -16.74
N LEU A 5 3.66 -2.28 -16.96
CA LEU A 5 4.66 -2.26 -15.91
C LEU A 5 5.54 -1.04 -16.09
N VAL A 6 5.94 -0.42 -14.98
CA VAL A 6 6.88 0.69 -15.01
C VAL A 6 8.00 0.41 -14.01
N TYR A 7 9.23 0.68 -14.42
CA TYR A 7 10.41 0.38 -13.62
C TYR A 7 11.57 1.18 -14.19
N ASP A 8 12.47 1.61 -13.31
CA ASP A 8 13.64 2.36 -13.74
C ASP A 8 14.80 2.03 -12.80
N THR A 9 15.98 1.83 -13.38
CA THR A 9 17.14 1.44 -12.62
C THR A 9 17.81 2.60 -11.88
N LEU A 10 17.42 3.84 -12.18
CA LEU A 10 17.92 4.96 -11.40
C LEU A 10 17.44 4.93 -9.96
N MET A 11 16.30 4.28 -9.71
CA MET A 11 15.82 4.12 -8.33
C MET A 11 16.74 3.22 -7.52
N LEU A 12 17.56 2.39 -8.17
CA LEU A 12 18.55 1.60 -7.44
C LEU A 12 19.60 2.48 -6.77
N LYS A 13 19.82 3.69 -7.30
CA LYS A 13 20.87 4.56 -6.79
C LYS A 13 20.56 5.09 -5.40
N HIS A 14 19.30 5.05 -4.96
CA HIS A 14 18.94 5.50 -3.61
C HIS A 14 19.48 4.49 -2.61
N GLN A 15 20.65 4.78 -2.04
CA GLN A 15 21.35 3.81 -1.22
C GLN A 15 22.20 4.57 -0.20
N CYS A 16 22.31 3.98 0.99
CA CYS A 16 23.11 4.59 2.05
C CYS A 16 24.60 4.45 1.74
N THR A 17 25.36 5.47 2.18
CA THR A 17 26.80 5.50 1.94
C THR A 17 27.59 4.58 2.87
N CYS A 18 26.97 4.08 3.94
CA CYS A 18 27.72 3.33 4.95
C CYS A 18 28.31 2.03 4.40
N GLY A 19 27.65 1.43 3.42
CA GLY A 19 28.09 0.14 2.93
C GLY A 19 27.62 -1.05 3.75
N SER A 20 26.71 -0.85 4.69
CA SER A 20 26.13 -1.93 5.49
C SER A 20 24.71 -2.20 4.98
N SER A 21 24.59 -3.17 4.09
CA SER A 21 23.28 -3.49 3.51
C SER A 21 22.33 -4.06 4.55
N SER A 22 22.85 -4.71 5.59
CA SER A 22 21.99 -5.36 6.58
C SER A 22 21.18 -4.36 7.40
N SER A 23 21.68 -3.14 7.56
CA SER A 23 21.06 -2.17 8.46
C SER A 23 19.87 -1.44 7.84
N HIS A 24 19.64 -1.58 6.53
CA HIS A 24 18.59 -0.84 5.83
C HIS A 24 17.72 -1.82 5.07
N PRO A 25 16.60 -2.26 5.66
CA PRO A 25 15.72 -3.22 4.97
C PRO A 25 15.20 -2.71 3.64
N GLU A 26 14.95 -1.41 3.51
CA GLU A 26 14.49 -0.82 2.25
C GLU A 26 15.72 -0.51 1.39
N HIS A 27 16.22 -1.55 0.73
CA HIS A 27 17.42 -1.44 -0.08
C HIS A 27 17.09 -1.65 -1.56
N ALA A 28 18.06 -1.31 -2.41
CA ALA A 28 17.85 -1.28 -3.85
C ALA A 28 17.51 -2.66 -4.43
N GLY A 29 17.92 -3.74 -3.77
CA GLY A 29 17.67 -5.06 -4.33
C GLY A 29 16.23 -5.53 -4.23
N ARG A 30 15.39 -4.83 -3.46
CA ARG A 30 13.99 -5.22 -3.36
C ARG A 30 13.28 -5.13 -4.70
N ILE A 31 13.59 -4.11 -5.50
CA ILE A 31 12.95 -3.98 -6.80
C ILE A 31 13.72 -4.73 -7.88
N GLN A 32 15.05 -4.86 -7.73
CA GLN A 32 15.82 -5.59 -8.73
C GLN A 32 15.44 -7.07 -8.74
N SER A 33 15.23 -7.66 -7.56
CA SER A 33 14.78 -9.04 -7.50
C SER A 33 13.36 -9.19 -8.04
N ILE A 34 12.52 -8.17 -7.83
CA ILE A 34 11.15 -8.23 -8.33
C ILE A 34 11.13 -8.14 -9.85
N TRP A 35 11.89 -7.18 -10.40
CA TRP A 35 11.96 -7.07 -11.85
C TRP A 35 12.59 -8.30 -12.48
N SER A 36 13.57 -8.91 -11.80
CA SER A 36 14.16 -10.13 -12.32
C SER A 36 13.15 -11.28 -12.29
N ARG A 37 12.30 -11.33 -11.27
CA ARG A 37 11.28 -12.37 -11.21
C ARG A 37 10.23 -12.19 -12.29
N LEU A 38 9.89 -10.95 -12.63
CA LEU A 38 8.94 -10.71 -13.71
C LEU A 38 9.54 -11.04 -15.07
N GLN A 39 10.86 -11.03 -15.19
CA GLN A 39 11.50 -11.38 -16.46
C GLN A 39 11.63 -12.89 -16.61
N GLU A 40 12.08 -13.58 -15.56
CA GLU A 40 12.26 -15.03 -15.65
C GLU A 40 10.94 -15.78 -15.74
N THR A 41 9.86 -15.23 -15.19
CA THR A 41 8.55 -15.87 -15.30
C THR A 41 7.86 -15.60 -16.63
N GLY A 42 8.38 -14.67 -17.42
CA GLY A 42 7.77 -14.31 -18.69
C GLY A 42 6.63 -13.33 -18.59
N LEU A 43 6.28 -12.88 -17.38
CA LEU A 43 5.21 -11.90 -17.23
C LEU A 43 5.59 -10.55 -17.82
N ARG A 44 6.89 -10.21 -17.84
CA ARG A 44 7.31 -8.94 -18.40
C ARG A 44 7.02 -8.87 -19.90
N GLY A 45 7.07 -10.01 -20.59
CA GLY A 45 6.75 -10.02 -22.01
C GLY A 45 5.28 -9.96 -22.30
N LYS A 46 4.43 -10.24 -21.32
CA LYS A 46 2.99 -10.09 -21.47
C LYS A 46 2.51 -8.67 -21.24
N CYS A 47 3.35 -7.80 -20.67
CA CYS A 47 2.95 -6.45 -20.30
C CYS A 47 3.66 -5.42 -21.18
N GLU A 48 3.02 -4.26 -21.32
CA GLU A 48 3.66 -3.12 -21.95
C GLU A 48 4.73 -2.55 -21.02
N CYS A 49 5.84 -2.10 -21.60
CA CYS A 49 6.93 -1.49 -20.84
C CYS A 49 6.71 0.03 -20.83
N ILE A 50 6.40 0.56 -19.65
CA ILE A 50 6.16 1.99 -19.48
C ILE A 50 7.44 2.66 -19.00
N ARG A 51 7.81 3.76 -19.65
CA ARG A 51 8.98 4.53 -19.26
C ARG A 51 8.60 5.58 -18.22
N GLY A 52 9.43 5.70 -17.19
CA GLY A 52 9.18 6.65 -16.13
C GLY A 52 9.73 8.02 -16.41
N ARG A 53 9.47 8.93 -15.46
CA ARG A 53 9.97 10.30 -15.52
C ARG A 53 10.00 10.84 -14.10
N LYS A 54 10.85 11.84 -13.89
CA LYS A 54 10.84 12.53 -12.61
C LYS A 54 9.58 13.38 -12.48
N ALA A 55 9.01 13.41 -11.28
CA ALA A 55 7.90 14.31 -11.01
C ALA A 55 8.39 15.75 -10.92
N THR A 56 7.59 16.68 -11.41
CA THR A 56 7.90 18.10 -11.25
C THR A 56 7.63 18.55 -9.82
N LEU A 57 8.32 19.61 -9.41
CA LEU A 57 8.11 20.16 -8.08
C LEU A 57 6.68 20.63 -7.89
N GLU A 58 6.04 21.15 -8.95
CA GLU A 58 4.63 21.51 -8.84
C GLU A 58 3.74 20.29 -8.64
N GLU A 59 4.12 19.15 -9.22
CA GLU A 59 3.35 17.92 -9.02
C GLU A 59 3.47 17.43 -7.58
N LEU A 60 4.67 17.52 -7.01
CA LEU A 60 4.86 17.11 -5.63
C LEU A 60 4.18 18.05 -4.65
N GLN A 61 3.94 19.31 -5.04
CA GLN A 61 3.35 20.30 -4.14
C GLN A 61 1.84 20.18 -4.02
N THR A 62 1.21 19.32 -4.82
CA THR A 62 -0.20 19.01 -4.59
C THR A 62 -0.41 18.35 -3.23
N VAL A 63 0.60 17.66 -2.73
CA VAL A 63 0.53 16.94 -1.46
C VAL A 63 1.45 17.58 -0.42
N HIS A 64 2.70 17.86 -0.78
CA HIS A 64 3.70 18.31 0.16
C HIS A 64 3.91 19.83 0.07
N SER A 65 4.33 20.40 1.20
CA SER A 65 4.67 21.81 1.25
C SER A 65 5.92 22.09 0.41
N GLU A 66 6.02 23.34 -0.08
CA GLU A 66 7.12 23.68 -0.97
C GLU A 66 8.47 23.52 -0.30
N ALA A 67 8.55 23.79 1.01
CA ALA A 67 9.81 23.57 1.71
C ALA A 67 10.20 22.10 1.74
N HIS A 68 9.21 21.20 1.76
CA HIS A 68 9.50 19.77 1.76
C HIS A 68 10.00 19.32 0.39
N THR A 69 9.35 19.78 -0.68
CA THR A 69 9.78 19.41 -2.03
C THR A 69 11.15 19.99 -2.37
N LEU A 70 11.47 21.18 -1.85
CA LEU A 70 12.78 21.74 -2.12
C LEU A 70 13.87 21.05 -1.30
N LEU A 71 13.55 20.61 -0.08
CA LEU A 71 14.56 19.98 0.76
C LEU A 71 14.95 18.60 0.23
N TYR A 72 13.97 17.83 -0.24
CA TYR A 72 14.22 16.45 -0.65
C TYR A 72 14.09 16.22 -2.15
N GLY A 73 13.67 17.22 -2.92
CA GLY A 73 13.57 17.06 -4.35
C GLY A 73 14.71 17.69 -5.14
N THR A 74 15.57 18.46 -4.46
CA THR A 74 16.63 19.18 -5.12
C THR A 74 17.89 19.14 -4.27
N ASN A 75 19.01 19.48 -4.90
CA ASN A 75 20.32 19.51 -4.27
C ASN A 75 21.02 20.82 -4.58
N PRO A 76 21.91 21.28 -3.68
CA PRO A 76 22.72 22.49 -3.92
C PRO A 76 23.82 22.26 -4.94
N SER A 93 20.00 22.37 10.20
CA SER A 93 19.77 21.40 9.14
C SER A 93 19.10 20.14 9.69
N VAL A 94 18.06 19.68 8.99
CA VAL A 94 17.34 18.48 9.43
C VAL A 94 18.23 17.24 9.33
N PHE A 95 19.22 17.25 8.44
CA PHE A 95 20.09 16.10 8.26
C PHE A 95 20.98 15.89 9.48
N VAL A 96 21.28 14.63 9.76
CA VAL A 96 22.09 14.24 10.92
C VAL A 96 22.99 13.08 10.53
N ARG A 97 24.04 12.88 11.32
CA ARG A 97 24.96 11.77 11.13
C ARG A 97 24.41 10.53 11.83
N LEU A 98 24.12 9.49 11.06
CA LEU A 98 23.54 8.26 11.58
C LEU A 98 24.60 7.39 12.25
N PRO A 99 24.18 6.52 13.18
CA PRO A 99 25.14 5.56 13.76
C PRO A 99 25.81 4.67 12.74
N CYS A 100 25.12 4.34 11.64
CA CYS A 100 25.74 3.56 10.59
C CYS A 100 26.86 4.32 9.88
N GLY A 101 26.87 5.65 9.98
CA GLY A 101 27.86 6.48 9.32
C GLY A 101 27.35 7.22 8.10
N GLY A 102 26.19 6.85 7.56
CA GLY A 102 25.60 7.61 6.49
C GLY A 102 24.81 8.81 6.99
N VAL A 103 24.44 9.67 6.05
CA VAL A 103 23.56 10.80 6.33
C VAL A 103 22.12 10.31 6.34
N GLY A 104 21.28 11.00 7.10
CA GLY A 104 19.85 10.69 7.12
C GLY A 104 19.09 11.71 7.93
N VAL A 105 17.75 11.62 7.83
CA VAL A 105 16.90 12.47 8.63
C VAL A 105 16.56 11.83 9.98
N ASP A 106 16.55 10.51 10.05
CA ASP A 106 16.36 9.77 11.29
C ASP A 106 16.99 8.39 11.10
N SER A 107 16.86 7.55 12.13
CA SER A 107 17.50 6.24 12.08
C SER A 107 16.95 5.37 10.95
N ASP A 108 15.68 5.55 10.59
CA ASP A 108 15.08 4.71 9.56
C ASP A 108 15.41 5.19 8.15
N THR A 109 15.29 6.49 7.92
CA THR A 109 15.27 7.05 6.56
C THR A 109 16.63 7.64 6.22
N ILE A 110 17.46 6.86 5.52
CA ILE A 110 18.76 7.32 5.06
C ILE A 110 18.58 8.27 3.87
N TRP A 111 19.55 9.16 3.69
CA TRP A 111 19.51 10.14 2.60
C TRP A 111 20.87 10.19 1.91
N ASN A 112 20.91 9.77 0.65
CA ASN A 112 22.10 9.93 -0.19
C ASN A 112 22.05 11.31 -0.83
N GLU A 113 23.04 12.14 -0.53
CA GLU A 113 23.00 13.53 -0.94
C GLU A 113 23.09 13.71 -2.44
N VAL A 114 23.58 12.71 -3.17
CA VAL A 114 23.74 12.82 -4.62
C VAL A 114 22.52 12.28 -5.36
N HIS A 115 22.11 11.04 -5.08
CA HIS A 115 21.11 10.35 -5.90
C HIS A 115 19.70 10.33 -5.32
N SER A 116 19.53 10.52 -4.01
CA SER A 116 18.24 10.25 -3.40
C SER A 116 17.15 11.18 -3.90
N ALA A 117 17.49 12.43 -4.23
CA ALA A 117 16.46 13.37 -4.68
C ALA A 117 15.87 12.95 -6.02
N GLY A 118 16.70 12.43 -6.92
CA GLY A 118 16.19 11.97 -8.19
C GLY A 118 15.49 10.63 -8.13
N ALA A 119 15.78 9.83 -7.11
CA ALA A 119 15.08 8.56 -6.95
C ALA A 119 13.67 8.76 -6.44
N ALA A 120 13.49 9.66 -5.47
CA ALA A 120 12.16 9.89 -4.93
C ALA A 120 11.23 10.53 -5.95
N ARG A 121 11.74 11.50 -6.72
CA ARG A 121 10.93 12.09 -7.79
C ARG A 121 10.64 11.08 -8.88
N LEU A 122 11.59 10.19 -9.16
CA LEU A 122 11.36 9.15 -10.16
C LEU A 122 10.31 8.15 -9.70
N ALA A 123 10.24 7.88 -8.39
CA ALA A 123 9.22 6.97 -7.88
C ALA A 123 7.83 7.58 -8.00
N VAL A 124 7.69 8.86 -7.66
CA VAL A 124 6.40 9.51 -7.81
C VAL A 124 6.03 9.64 -9.28
N GLY A 125 7.01 9.90 -10.15
CA GLY A 125 6.70 10.08 -11.56
C GLY A 125 6.37 8.80 -12.29
N CYS A 126 7.03 7.70 -11.91
CA CYS A 126 6.70 6.42 -12.53
C CYS A 126 5.27 6.00 -12.17
N VAL A 127 4.82 6.32 -10.96
CA VAL A 127 3.45 6.00 -10.57
C VAL A 127 2.48 6.92 -11.29
N VAL A 128 2.82 8.21 -11.42
CA VAL A 128 1.93 9.14 -12.10
C VAL A 128 1.82 8.81 -13.59
N GLU A 129 2.94 8.42 -14.21
CA GLU A 129 2.89 8.07 -15.63
C GLU A 129 2.07 6.82 -15.87
N LEU A 130 2.16 5.84 -14.96
CA LEU A 130 1.41 4.61 -15.12
C LEU A 130 -0.07 4.82 -14.82
N VAL A 131 -0.37 5.58 -13.76
CA VAL A 131 -1.77 5.81 -13.38
C VAL A 131 -2.51 6.58 -14.47
N PHE A 132 -1.84 7.57 -15.08
CA PHE A 132 -2.50 8.35 -16.12
C PHE A 132 -2.70 7.52 -17.38
N LYS A 133 -1.76 6.64 -17.71
CA LYS A 133 -1.94 5.80 -18.90
C LYS A 133 -3.10 4.83 -18.73
N VAL A 134 -3.37 4.40 -17.49
CA VAL A 134 -4.53 3.55 -17.25
C VAL A 134 -5.80 4.38 -17.21
N ALA A 135 -5.75 5.55 -16.56
CA ALA A 135 -6.94 6.40 -16.45
C ALA A 135 -7.38 6.92 -17.82
N THR A 136 -6.44 7.16 -18.72
CA THR A 136 -6.76 7.65 -20.06
C THR A 136 -7.09 6.52 -21.04
N GLY A 137 -7.00 5.27 -20.61
CA GLY A 137 -7.35 4.15 -21.47
C GLY A 137 -6.24 3.62 -22.35
N GLU A 138 -5.00 4.03 -22.14
CA GLU A 138 -3.89 3.39 -22.84
C GLU A 138 -3.53 2.02 -22.27
N LEU A 139 -4.02 1.68 -21.08
CA LEU A 139 -3.73 0.41 -20.43
C LEU A 139 -4.95 -0.04 -19.64
N LYS A 140 -5.13 -1.35 -19.52
CA LYS A 140 -6.21 -1.87 -18.69
C LYS A 140 -5.88 -1.72 -17.21
N ASN A 141 -4.63 -1.97 -16.82
CA ASN A 141 -4.21 -1.89 -15.43
C ASN A 141 -2.69 -1.81 -15.40
N GLY A 142 -2.14 -1.55 -14.22
CA GLY A 142 -0.71 -1.35 -14.10
C GLY A 142 -0.16 -1.84 -12.78
N PHE A 143 1.16 -1.97 -12.74
CA PHE A 143 1.92 -2.31 -11.54
C PHE A 143 3.23 -1.55 -11.56
N ALA A 144 3.51 -0.81 -10.50
CA ALA A 144 4.68 0.07 -10.43
C ALA A 144 5.70 -0.53 -9.48
N VAL A 145 6.83 -0.98 -10.04
CA VAL A 145 7.94 -1.50 -9.25
C VAL A 145 8.81 -0.28 -8.90
N VAL A 146 8.48 0.37 -7.79
CA VAL A 146 9.08 1.66 -7.44
C VAL A 146 9.57 1.63 -6.00
N ARG A 147 10.67 2.33 -5.77
CA ARG A 147 11.20 2.65 -4.45
C ARG A 147 11.78 4.05 -4.51
N PRO A 148 11.85 4.76 -3.36
CA PRO A 148 11.36 4.48 -2.02
C PRO A 148 9.84 4.46 -1.90
N PRO A 149 9.31 3.70 -0.93
CA PRO A 149 7.87 3.71 -0.68
C PRO A 149 7.42 5.10 -0.23
N GLY A 150 6.18 5.44 -0.57
CA GLY A 150 5.69 6.76 -0.27
C GLY A 150 4.58 6.93 0.77
N HIS A 151 3.95 5.83 1.21
CA HIS A 151 2.69 5.99 1.93
C HIS A 151 2.85 6.52 3.35
N HIS A 152 4.06 6.48 3.93
CA HIS A 152 4.25 7.04 5.26
C HIS A 152 4.55 8.55 5.25
N ALA A 153 4.92 9.11 4.11
CA ALA A 153 5.33 10.51 4.06
C ALA A 153 4.14 11.44 4.27
N GLU A 154 4.36 12.51 5.03
CA GLU A 154 3.35 13.51 5.32
C GLU A 154 3.65 14.79 4.56
N GLU A 155 2.86 15.84 4.83
CA GLU A 155 2.98 17.09 4.09
C GLU A 155 4.37 17.70 4.23
N SER A 156 5.01 17.51 5.38
CA SER A 156 6.35 18.05 5.59
C SER A 156 7.26 17.10 6.36
N THR A 157 6.81 15.89 6.67
CA THR A 157 7.58 14.98 7.53
C THR A 157 7.89 13.68 6.82
N PRO A 158 9.10 13.50 6.30
CA PRO A 158 9.53 12.15 5.89
C PRO A 158 9.60 11.21 7.09
N MET A 159 9.27 9.95 6.86
CA MET A 159 9.35 8.92 7.88
C MET A 159 9.08 7.57 7.23
N GLY A 160 9.57 6.51 7.89
CA GLY A 160 9.23 5.16 7.45
C GLY A 160 9.77 4.76 6.10
N PHE A 161 10.99 5.20 5.76
CA PHE A 161 11.61 5.03 4.44
C PHE A 161 10.90 5.82 3.35
N CYS A 162 10.08 6.80 3.72
CA CYS A 162 9.25 7.52 2.77
C CYS A 162 9.64 9.00 2.74
N TYR A 163 9.51 9.60 1.56
CA TYR A 163 9.82 11.02 1.36
C TYR A 163 8.65 11.74 0.72
N PHE A 164 8.21 11.25 -0.43
CA PHE A 164 7.03 11.79 -1.11
C PHE A 164 5.99 10.68 -1.25
N ASN A 165 4.71 11.04 -1.09
CA ASN A 165 3.62 10.07 -1.14
C ASN A 165 3.20 9.91 -2.59
N SER A 166 3.79 8.92 -3.27
CA SER A 166 3.59 8.78 -4.71
C SER A 166 2.13 8.48 -5.04
N VAL A 167 1.44 7.69 -4.22
CA VAL A 167 0.06 7.37 -4.51
C VAL A 167 -0.83 8.59 -4.28
N ALA A 168 -0.54 9.38 -3.25
CA ALA A 168 -1.32 10.58 -3.01
C ALA A 168 -1.13 11.63 -4.10
N VAL A 169 0.07 11.72 -4.68
CA VAL A 169 0.31 12.69 -5.74
C VAL A 169 -0.43 12.28 -7.01
N ALA A 170 -0.42 10.98 -7.32
CA ALA A 170 -1.14 10.51 -8.50
C ALA A 170 -2.64 10.69 -8.32
N ALA A 171 -3.14 10.60 -7.08
CA ALA A 171 -4.57 10.79 -6.85
C ALA A 171 -4.95 12.26 -6.99
N LYS A 172 -4.15 13.16 -6.42
CA LYS A 172 -4.43 14.59 -6.56
C LYS A 172 -4.34 15.03 -8.02
N LEU A 173 -3.36 14.48 -8.75
CA LEU A 173 -3.21 14.84 -10.16
C LEU A 173 -4.36 14.29 -11.01
N LEU A 174 -4.94 13.16 -10.61
CA LEU A 174 -6.12 12.67 -11.32
C LEU A 174 -7.30 13.63 -11.15
N GLN A 175 -7.37 14.32 -10.01
CA GLN A 175 -8.43 15.28 -9.79
C GLN A 175 -8.19 16.58 -10.54
N GLN A 176 -6.98 17.14 -10.43
CA GLN A 176 -6.70 18.44 -11.01
C GLN A 176 -6.50 18.41 -12.51
N ARG A 177 -6.25 17.24 -13.09
CA ARG A 177 -5.97 17.14 -14.52
C ARG A 177 -7.03 16.38 -15.30
N LEU A 178 -7.63 15.36 -14.71
CA LEU A 178 -8.69 14.60 -15.37
C LEU A 178 -10.04 14.76 -14.71
N SER A 179 -10.14 15.49 -13.60
CA SER A 179 -11.41 15.78 -12.93
C SER A 179 -12.16 14.49 -12.56
N VAL A 180 -11.43 13.46 -12.14
CA VAL A 180 -12.07 12.26 -11.65
C VAL A 180 -12.83 12.57 -10.37
N SER A 181 -14.06 12.05 -10.27
CA SER A 181 -14.93 12.39 -9.15
C SER A 181 -14.84 11.40 -7.99
N LYS A 182 -14.51 10.14 -8.25
CA LYS A 182 -14.44 9.12 -7.21
C LYS A 182 -13.16 8.32 -7.39
N ILE A 183 -12.32 8.32 -6.35
CA ILE A 183 -11.05 7.61 -6.36
C ILE A 183 -10.98 6.74 -5.13
N LEU A 184 -10.75 5.44 -5.32
CA LEU A 184 -10.54 4.51 -4.22
C LEU A 184 -9.05 4.24 -4.06
N ILE A 185 -8.57 4.30 -2.82
CA ILE A 185 -7.19 3.96 -2.49
C ILE A 185 -7.24 2.84 -1.46
N VAL A 186 -6.83 1.64 -1.88
CA VAL A 186 -6.63 0.54 -0.96
C VAL A 186 -5.16 0.52 -0.55
N ASP A 187 -4.91 0.22 0.72
CA ASP A 187 -3.57 0.19 1.30
C ASP A 187 -3.47 -1.10 2.09
N TRP A 188 -3.02 -2.18 1.44
CA TRP A 188 -2.84 -3.46 2.11
C TRP A 188 -1.40 -3.69 2.56
N ASP A 189 -0.57 -2.65 2.57
CA ASP A 189 0.70 -2.73 3.28
C ASP A 189 0.43 -2.95 4.76
N VAL A 190 1.27 -3.77 5.39
CA VAL A 190 0.97 -4.16 6.77
C VAL A 190 1.01 -2.97 7.72
N HIS A 191 1.78 -1.93 7.39
CA HIS A 191 1.77 -0.70 8.16
C HIS A 191 0.65 0.22 7.70
N HIS A 192 0.12 1.00 8.64
CA HIS A 192 -0.85 2.04 8.28
C HIS A 192 -0.19 3.13 7.45
N GLY A 193 -0.91 3.62 6.44
CA GLY A 193 -0.41 4.69 5.62
C GLY A 193 -0.85 6.05 6.13
N ASN A 194 -0.12 6.57 7.13
CA ASN A 194 -0.54 7.80 7.80
C ASN A 194 -0.56 8.99 6.87
N GLY A 195 0.36 9.04 5.91
CA GLY A 195 0.39 10.18 5.00
C GLY A 195 -0.70 10.17 3.96
N THR A 196 -1.07 8.97 3.48
CA THR A 196 -2.20 8.88 2.55
C THR A 196 -3.52 9.19 3.25
N GLN A 197 -3.61 8.90 4.55
CA GLN A 197 -4.82 9.26 5.30
C GLN A 197 -4.89 10.76 5.53
N GLN A 198 -3.77 11.38 5.92
CA GLN A 198 -3.76 12.81 6.17
C GLN A 198 -4.03 13.62 4.90
N ALA A 199 -3.58 13.13 3.75
CA ALA A 199 -3.73 13.89 2.51
C ALA A 199 -5.19 14.03 2.09
N PHE A 200 -6.04 13.08 2.48
CA PHE A 200 -7.43 13.07 2.04
C PHE A 200 -8.41 13.01 3.21
N TYR A 201 -7.98 13.38 4.42
CA TYR A 201 -8.80 13.14 5.61
C TYR A 201 -10.10 13.92 5.56
N SER A 202 -10.13 15.05 4.84
CA SER A 202 -11.32 15.88 4.74
C SER A 202 -11.98 15.81 3.37
N ASP A 203 -11.59 14.85 2.52
CA ASP A 203 -12.06 14.81 1.15
C ASP A 203 -13.06 13.68 0.94
N PRO A 204 -14.35 13.98 0.74
CA PRO A 204 -15.31 12.91 0.38
C PRO A 204 -14.97 12.17 -0.90
N SER A 205 -14.34 12.84 -1.87
CA SER A 205 -14.17 12.30 -3.21
C SER A 205 -13.09 11.22 -3.31
N VAL A 206 -12.30 11.01 -2.27
CA VAL A 206 -11.29 9.96 -2.24
C VAL A 206 -11.54 9.10 -1.00
N LEU A 207 -11.77 7.81 -1.21
CA LEU A 207 -11.99 6.86 -0.11
C LEU A 207 -10.67 6.15 0.19
N TYR A 208 -10.00 6.56 1.26
CA TYR A 208 -8.87 5.80 1.77
C TYR A 208 -9.36 4.56 2.50
N MET A 209 -8.62 3.45 2.35
CA MET A 209 -8.97 2.19 3.00
C MET A 209 -7.68 1.44 3.30
N SER A 210 -7.26 1.46 4.56
CA SER A 210 -6.03 0.83 5.00
C SER A 210 -6.35 -0.45 5.78
N LEU A 211 -5.65 -1.53 5.44
CA LEU A 211 -5.61 -2.75 6.25
C LEU A 211 -4.22 -2.84 6.87
N HIS A 212 -4.15 -2.90 8.19
CA HIS A 212 -2.86 -2.83 8.85
C HIS A 212 -2.91 -3.46 10.22
N ARG A 213 -1.76 -3.96 10.65
CA ARG A 213 -1.55 -4.28 12.06
C ARG A 213 -1.61 -3.00 12.89
N TYR A 214 -2.31 -3.06 14.02
CA TYR A 214 -2.49 -1.86 14.82
C TYR A 214 -2.16 -2.12 16.29
N ASP A 215 -2.77 -3.14 16.88
CA ASP A 215 -2.48 -3.57 18.25
C ASP A 215 -2.63 -2.42 19.24
N ASP A 216 -3.71 -1.64 19.08
CA ASP A 216 -4.00 -0.50 19.96
C ASP A 216 -2.86 0.51 19.97
N GLY A 217 -2.30 0.79 18.79
CA GLY A 217 -1.29 1.82 18.67
C GLY A 217 0.10 1.43 19.08
N ASN A 218 0.36 0.13 19.29
CA ASN A 218 1.66 -0.35 19.74
C ASN A 218 2.52 -0.85 18.57
N PHE A 219 2.19 -0.45 17.35
CA PHE A 219 2.95 -0.82 16.16
C PHE A 219 3.24 0.46 15.36
N PHE A 220 4.27 0.39 14.53
CA PHE A 220 4.61 1.54 13.70
C PHE A 220 3.51 1.78 12.66
N PRO A 221 3.11 3.03 12.41
CA PRO A 221 3.59 4.25 13.09
C PRO A 221 2.80 4.64 14.34
N GLY A 222 1.82 3.83 14.71
CA GLY A 222 0.96 4.11 15.84
C GLY A 222 -0.34 4.84 15.51
N SER A 223 -0.52 5.28 14.27
CA SER A 223 -1.78 5.87 13.83
C SER A 223 -2.66 4.81 13.19
N GLY A 224 -3.91 5.19 12.94
CA GLY A 224 -4.81 4.31 12.20
C GLY A 224 -5.82 3.58 13.05
N ALA A 225 -6.35 4.25 14.07
CA ALA A 225 -7.42 3.66 14.86
C ALA A 225 -8.70 3.57 14.03
N PRO A 226 -9.54 2.58 14.30
CA PRO A 226 -10.84 2.50 13.60
C PRO A 226 -11.70 3.74 13.78
N ASP A 227 -11.61 4.41 14.94
CA ASP A 227 -12.42 5.60 15.18
C ASP A 227 -12.03 6.78 14.30
N GLU A 228 -10.86 6.74 13.66
CA GLU A 228 -10.41 7.81 12.78
C GLU A 228 -11.13 7.68 11.45
N VAL A 229 -12.28 8.35 11.34
CA VAL A 229 -13.20 8.17 10.23
C VAL A 229 -13.14 9.32 9.23
N GLY A 230 -12.16 10.22 9.36
CA GLY A 230 -12.16 11.44 8.57
C GLY A 230 -12.85 12.58 9.29
N THR A 231 -12.82 13.75 8.66
CA THR A 231 -13.32 14.97 9.29
C THR A 231 -14.02 15.84 8.26
N GLY A 232 -14.91 16.69 8.76
CA GLY A 232 -15.62 17.64 7.93
C GLY A 232 -16.50 16.99 6.88
N PRO A 233 -16.42 17.50 5.65
CA PRO A 233 -17.15 16.87 4.54
C PRO A 233 -16.77 15.42 4.31
N GLY A 234 -15.53 15.06 4.63
CA GLY A 234 -14.96 13.75 4.40
C GLY A 234 -15.24 12.71 5.46
N VAL A 235 -16.10 13.00 6.43
CA VAL A 235 -16.42 12.02 7.47
C VAL A 235 -17.03 10.77 6.83
N GLY A 236 -16.57 9.61 7.29
CA GLY A 236 -17.03 8.34 6.78
C GLY A 236 -16.31 7.84 5.54
N PHE A 237 -15.36 8.60 5.01
CA PHE A 237 -14.62 8.24 3.82
C PHE A 237 -13.17 7.86 4.14
N ASN A 238 -12.88 7.50 5.39
CA ASN A 238 -11.59 6.96 5.79
C ASN A 238 -11.86 5.70 6.61
N VAL A 239 -11.54 4.55 6.05
CA VAL A 239 -11.85 3.25 6.66
C VAL A 239 -10.54 2.61 7.08
N ASN A 240 -10.28 2.58 8.39
CA ASN A 240 -9.11 1.92 8.96
C ASN A 240 -9.51 0.53 9.42
N MET A 241 -9.19 -0.48 8.60
CA MET A 241 -9.39 -1.89 8.98
C MET A 241 -8.19 -2.31 9.82
N ALA A 242 -8.22 -1.89 11.09
CA ALA A 242 -7.10 -2.06 12.00
C ALA A 242 -7.23 -3.38 12.75
N PHE A 243 -6.27 -4.28 12.53
CA PHE A 243 -6.19 -5.51 13.31
C PHE A 243 -5.58 -5.24 14.68
N THR A 244 -5.97 -6.05 15.66
CA THR A 244 -5.55 -5.85 17.04
C THR A 244 -5.45 -7.22 17.71
N GLY A 245 -4.66 -7.29 18.77
CA GLY A 245 -4.37 -8.53 19.45
C GLY A 245 -3.02 -9.13 19.16
N GLY A 246 -2.16 -8.44 18.40
CA GLY A 246 -0.82 -8.94 18.18
C GLY A 246 -0.79 -10.15 17.27
N LEU A 247 0.20 -11.01 17.50
CA LEU A 247 0.39 -12.20 16.68
C LEU A 247 0.00 -13.45 17.44
N ASP A 248 -1.20 -13.45 18.02
CA ASP A 248 -1.65 -14.53 18.91
C ASP A 248 -3.07 -14.97 18.54
N PRO A 249 -3.23 -15.76 17.46
CA PRO A 249 -2.32 -16.11 16.37
C PRO A 249 -2.08 -14.96 15.39
N PRO A 250 -0.96 -15.00 14.65
CA PRO A 250 -0.76 -14.01 13.58
C PRO A 250 -1.82 -14.16 12.50
N MET A 251 -2.18 -13.03 11.90
CA MET A 251 -3.21 -13.04 10.86
C MET A 251 -2.74 -13.81 9.64
N GLY A 252 -3.66 -14.57 9.04
CA GLY A 252 -3.36 -15.36 7.86
C GLY A 252 -4.25 -15.00 6.69
N ASP A 253 -4.28 -15.87 5.67
CA ASP A 253 -5.09 -15.58 4.49
C ASP A 253 -6.57 -15.53 4.83
N ALA A 254 -7.01 -16.38 5.76
CA ALA A 254 -8.44 -16.44 6.08
C ALA A 254 -8.92 -15.14 6.74
N GLU A 255 -8.04 -14.46 7.47
CA GLU A 255 -8.41 -13.22 8.12
C GLU A 255 -8.49 -12.06 7.14
N TYR A 256 -7.56 -12.00 6.19
CA TYR A 256 -7.61 -10.94 5.18
C TYR A 256 -8.75 -11.15 4.19
N LEU A 257 -8.99 -12.40 3.78
CA LEU A 257 -10.11 -12.67 2.90
C LEU A 257 -11.44 -12.38 3.56
N ALA A 258 -11.53 -12.60 4.88
CA ALA A 258 -12.76 -12.26 5.59
C ALA A 258 -12.95 -10.75 5.70
N ALA A 259 -11.86 -10.02 5.91
CA ALA A 259 -11.96 -8.56 5.97
C ALA A 259 -12.36 -7.98 4.62
N PHE A 260 -11.96 -8.60 3.52
CA PHE A 260 -12.42 -8.15 2.21
C PHE A 260 -13.90 -8.46 2.01
N ARG A 261 -14.32 -9.68 2.39
CA ARG A 261 -15.71 -10.07 2.20
C ARG A 261 -16.67 -9.26 3.08
N THR A 262 -16.22 -8.88 4.29
CA THR A 262 -17.12 -8.23 5.24
C THR A 262 -17.01 -6.72 5.26
N VAL A 263 -15.84 -6.15 4.97
CA VAL A 263 -15.57 -4.73 5.17
C VAL A 263 -15.12 -4.05 3.88
N VAL A 264 -14.07 -4.58 3.25
CA VAL A 264 -13.45 -3.87 2.13
C VAL A 264 -14.41 -3.81 0.94
N MET A 265 -14.78 -4.97 0.41
CA MET A 265 -15.64 -5.00 -0.77
C MET A 265 -16.99 -4.31 -0.56
N PRO A 266 -17.74 -4.55 0.53
CA PRO A 266 -19.02 -3.83 0.67
C PRO A 266 -18.88 -2.32 0.68
N ILE A 267 -17.80 -1.80 1.27
CA ILE A 267 -17.63 -0.35 1.31
C ILE A 267 -17.15 0.17 -0.04
N ALA A 268 -16.18 -0.51 -0.65
CA ALA A 268 -15.69 -0.09 -1.96
C ALA A 268 -16.77 -0.21 -3.03
N SER A 269 -17.65 -1.20 -2.91
CA SER A 269 -18.73 -1.34 -3.89
C SER A 269 -19.76 -0.23 -3.76
N GLU A 270 -20.13 0.13 -2.53
CA GLU A 270 -21.06 1.24 -2.34
C GLU A 270 -20.45 2.57 -2.76
N PHE A 271 -19.13 2.72 -2.60
CA PHE A 271 -18.47 3.93 -3.05
C PHE A 271 -18.49 4.06 -4.57
N ALA A 272 -18.47 2.94 -5.29
CA ALA A 272 -18.43 2.89 -6.75
C ALA A 272 -17.34 3.79 -7.32
N PRO A 273 -16.07 3.48 -7.06
CA PRO A 273 -14.99 4.35 -7.54
C PRO A 273 -14.89 4.39 -9.06
N ASP A 274 -14.46 5.55 -9.56
CA ASP A 274 -14.06 5.65 -10.96
C ASP A 274 -12.65 5.12 -11.22
N VAL A 275 -11.81 5.07 -10.18
CA VAL A 275 -10.44 4.59 -10.29
C VAL A 275 -10.10 3.87 -8.99
N VAL A 276 -9.19 2.91 -9.06
CA VAL A 276 -8.71 2.19 -7.88
C VAL A 276 -7.19 2.23 -7.89
N LEU A 277 -6.61 2.97 -6.95
CA LEU A 277 -5.18 2.91 -6.68
C LEU A 277 -4.92 2.01 -5.49
N VAL A 278 -3.79 1.30 -5.52
CA VAL A 278 -3.44 0.37 -4.46
C VAL A 278 -2.03 0.68 -3.97
N SER A 279 -1.88 0.85 -2.66
CA SER A 279 -0.58 0.90 -2.01
C SER A 279 -0.17 -0.55 -1.75
N SER A 280 0.51 -1.15 -2.73
CA SER A 280 0.74 -2.60 -2.74
C SER A 280 1.97 -2.94 -1.91
N GLY A 281 1.81 -2.90 -0.59
CA GLY A 281 2.85 -3.37 0.31
C GLY A 281 2.76 -4.88 0.50
N PHE A 282 3.93 -5.51 0.64
CA PHE A 282 4.01 -6.97 0.75
C PHE A 282 4.65 -7.42 2.06
N ASP A 283 4.74 -6.52 3.05
CA ASP A 283 5.31 -6.91 4.33
C ASP A 283 4.36 -7.77 5.17
N ALA A 284 3.10 -7.89 4.77
CA ALA A 284 2.17 -8.80 5.41
C ALA A 284 2.35 -10.25 4.97
N VAL A 285 3.18 -10.50 3.95
CA VAL A 285 3.44 -11.86 3.49
C VAL A 285 4.23 -12.62 4.55
N GLU A 286 4.04 -13.94 4.57
CA GLU A 286 4.73 -14.82 5.51
C GLU A 286 6.24 -14.81 5.26
N GLY A 287 6.99 -15.08 6.33
CA GLY A 287 8.44 -15.12 6.26
C GLY A 287 9.15 -13.82 6.56
N HIS A 288 8.41 -12.73 6.80
CA HIS A 288 9.03 -11.49 7.22
C HIS A 288 9.45 -11.58 8.69
N PRO A 289 10.48 -10.81 9.09
CA PRO A 289 10.77 -10.67 10.52
C PRO A 289 9.59 -10.03 11.23
N THR A 290 9.34 -10.49 12.46
CA THR A 290 8.15 -10.09 13.19
C THR A 290 8.03 -8.57 13.38
N PRO A 291 9.06 -7.82 13.78
CA PRO A 291 8.88 -6.37 13.92
C PRO A 291 8.47 -5.68 12.63
N LEU A 292 8.92 -6.17 11.46
CA LEU A 292 8.58 -5.57 10.19
C LEU A 292 7.22 -6.03 9.65
N GLY A 293 6.58 -7.00 10.29
CA GLY A 293 5.29 -7.47 9.84
C GLY A 293 4.71 -8.53 10.75
N GLY A 294 5.15 -9.78 10.58
CA GLY A 294 4.73 -10.88 11.42
C GLY A 294 3.47 -11.59 10.99
N TYR A 295 2.81 -11.12 9.94
CA TYR A 295 1.65 -11.82 9.39
C TYR A 295 2.10 -12.95 8.47
N ASN A 296 1.20 -13.91 8.25
CA ASN A 296 1.50 -15.11 7.49
C ASN A 296 0.66 -15.19 6.20
N LEU A 297 0.47 -14.05 5.54
CA LEU A 297 -0.21 -14.04 4.25
C LEU A 297 0.59 -14.81 3.21
N SER A 298 -0.08 -15.65 2.44
CA SER A 298 0.53 -16.27 1.28
C SER A 298 0.58 -15.30 0.11
N ALA A 299 1.58 -15.47 -0.75
CA ALA A 299 1.62 -14.69 -1.98
C ALA A 299 0.45 -15.01 -2.89
N ARG A 300 -0.04 -16.25 -2.85
CA ARG A 300 -1.21 -16.60 -3.64
C ARG A 300 -2.44 -15.85 -3.16
N CYS A 301 -2.52 -15.53 -1.86
CA CYS A 301 -3.65 -14.76 -1.35
C CYS A 301 -3.68 -13.36 -1.93
N PHE A 302 -2.50 -12.77 -2.15
CA PHE A 302 -2.45 -11.42 -2.71
C PHE A 302 -2.93 -11.39 -4.15
N GLY A 303 -2.78 -12.50 -4.87
CA GLY A 303 -3.32 -12.56 -6.23
C GLY A 303 -4.83 -12.57 -6.24
N TYR A 304 -5.44 -13.24 -5.27
CA TYR A 304 -6.90 -13.22 -5.15
C TYR A 304 -7.40 -11.86 -4.70
N LEU A 305 -6.69 -11.21 -3.79
CA LEU A 305 -7.09 -9.87 -3.36
C LEU A 305 -6.98 -8.86 -4.49
N THR A 306 -6.01 -9.05 -5.40
CA THR A 306 -5.92 -8.19 -6.57
C THR A 306 -7.11 -8.42 -7.49
N LYS A 307 -7.47 -9.69 -7.72
CA LYS A 307 -8.57 -9.98 -8.64
C LYS A 307 -9.90 -9.49 -8.10
N GLN A 308 -10.09 -9.48 -6.78
CA GLN A 308 -11.33 -8.94 -6.22
C GLN A 308 -11.42 -7.43 -6.41
N LEU A 309 -10.28 -6.73 -6.31
CA LEU A 309 -10.27 -5.30 -6.57
C LEU A 309 -10.47 -4.99 -8.05
N MET A 310 -10.17 -5.95 -8.93
CA MET A 310 -10.28 -5.71 -10.37
C MET A 310 -11.73 -5.59 -10.84
N GLY A 311 -12.69 -6.05 -10.03
CA GLY A 311 -14.08 -5.86 -10.39
C GLY A 311 -14.60 -4.45 -10.15
N LEU A 312 -13.87 -3.66 -9.37
CA LEU A 312 -14.23 -2.27 -9.13
C LEU A 312 -13.81 -1.37 -10.29
N ALA A 313 -14.54 -0.27 -10.44
CA ALA A 313 -14.15 0.83 -11.33
C ALA A 313 -13.96 0.37 -12.78
N GLY A 314 -14.63 -0.71 -13.18
CA GLY A 314 -14.49 -1.16 -14.55
C GLY A 314 -13.16 -1.81 -14.85
N GLY A 315 -12.39 -2.18 -13.82
CA GLY A 315 -11.05 -2.67 -14.01
C GLY A 315 -9.96 -1.62 -14.07
N ARG A 316 -10.30 -0.34 -13.90
CA ARG A 316 -9.28 0.70 -13.85
C ARG A 316 -8.54 0.66 -12.54
N ILE A 317 -7.42 -0.06 -12.49
CA ILE A 317 -6.69 -0.28 -11.25
C ILE A 317 -5.20 -0.15 -11.52
N VAL A 318 -4.47 0.39 -10.55
CA VAL A 318 -3.01 0.47 -10.61
C VAL A 318 -2.46 0.13 -9.23
N LEU A 319 -1.53 -0.82 -9.19
CA LEU A 319 -0.84 -1.17 -7.95
C LEU A 319 0.52 -0.48 -7.93
N ALA A 320 0.85 0.13 -6.80
CA ALA A 320 2.15 0.76 -6.59
C ALA A 320 2.84 0.10 -5.41
N LEU A 321 4.11 -0.29 -5.62
CA LEU A 321 4.85 -0.96 -4.56
C LEU A 321 5.06 -0.02 -3.38
N GLU A 322 4.96 -0.57 -2.17
CA GLU A 322 5.23 0.17 -0.96
C GLU A 322 6.25 -0.58 -0.11
N GLY A 323 5.78 -1.25 0.95
CA GLY A 323 6.64 -2.03 1.81
C GLY A 323 6.83 -3.45 1.30
N GLY A 324 7.38 -4.29 2.16
CA GLY A 324 7.77 -5.63 1.79
C GLY A 324 9.27 -5.72 1.61
N TYR A 325 9.92 -6.51 2.46
CA TYR A 325 11.38 -6.48 2.56
C TYR A 325 12.05 -7.85 2.44
N ASP A 326 11.32 -8.96 2.60
CA ASP A 326 11.88 -10.26 2.29
C ASP A 326 11.85 -10.47 0.78
N LEU A 327 13.00 -10.80 0.19
CA LEU A 327 13.10 -10.82 -1.27
C LEU A 327 12.24 -11.93 -1.87
N THR A 328 12.28 -13.13 -1.28
CA THR A 328 11.46 -14.21 -1.82
C THR A 328 9.97 -13.94 -1.66
N ALA A 329 9.60 -13.22 -0.60
CA ALA A 329 8.18 -12.95 -0.35
C ALA A 329 7.63 -11.93 -1.35
N ILE A 330 8.36 -10.82 -1.54
CA ILE A 330 7.85 -9.78 -2.44
C ILE A 330 7.92 -10.23 -3.89
N CYS A 331 8.81 -11.18 -4.22
CA CYS A 331 8.86 -11.69 -5.58
C CYS A 331 7.69 -12.61 -5.87
N ASP A 332 7.38 -13.50 -4.93
CA ASP A 332 6.21 -14.37 -5.09
C ASP A 332 4.92 -13.56 -5.09
N ALA A 333 4.87 -12.46 -4.34
CA ALA A 333 3.65 -11.66 -4.29
C ALA A 333 3.53 -10.76 -5.51
N SER A 334 4.64 -10.19 -5.98
CA SER A 334 4.58 -9.41 -7.22
C SER A 334 4.23 -10.29 -8.41
N GLU A 335 4.66 -11.55 -8.40
CA GLU A 335 4.33 -12.46 -9.49
C GLU A 335 2.85 -12.79 -9.49
N ALA A 336 2.28 -13.07 -8.31
CA ALA A 336 0.85 -13.37 -8.23
C ALA A 336 -0.01 -12.17 -8.58
N CYS A 337 0.44 -10.95 -8.26
CA CYS A 337 -0.38 -9.78 -8.52
C CYS A 337 -0.39 -9.44 -10.01
N VAL A 338 0.79 -9.41 -10.64
CA VAL A 338 0.85 -9.13 -12.07
C VAL A 338 0.16 -10.25 -12.86
N SER A 339 0.28 -11.48 -12.39
CA SER A 339 -0.45 -12.57 -13.04
C SER A 339 -1.95 -12.40 -12.90
N ALA A 340 -2.41 -11.80 -11.80
CA ALA A 340 -3.83 -11.52 -11.66
C ALA A 340 -4.26 -10.36 -12.54
N LEU A 341 -3.42 -9.33 -12.67
CA LEU A 341 -3.76 -8.19 -13.50
C LEU A 341 -3.87 -8.57 -14.97
N LEU A 342 -3.14 -9.61 -15.39
CA LEU A 342 -3.16 -10.08 -16.77
C LEU A 342 -4.38 -10.93 -17.08
N GLY A 343 -5.18 -11.29 -16.09
CA GLY A 343 -6.30 -12.18 -16.31
C GLY A 343 -5.96 -13.65 -16.32
N ASN A 344 -4.74 -14.01 -15.96
CA ASN A 344 -4.37 -15.42 -15.87
C ASN A 344 -5.15 -16.11 -14.76
N GLU A 345 -5.53 -17.36 -15.02
CA GLU A 345 -6.25 -18.13 -14.01
C GLU A 345 -5.37 -18.34 -12.79
N LEU A 346 -5.97 -18.14 -11.61
CA LEU A 346 -5.24 -18.21 -10.35
C LEU A 346 -5.02 -19.65 -9.92
N ASP A 347 -3.97 -19.86 -9.14
CA ASP A 347 -3.80 -21.12 -8.45
C ASP A 347 -4.89 -21.25 -7.38
N PRO A 348 -5.58 -22.39 -7.29
CA PRO A 348 -6.68 -22.50 -6.33
C PRO A 348 -6.20 -22.36 -4.90
N LEU A 349 -7.03 -21.74 -4.07
CA LEU A 349 -6.69 -21.57 -2.66
C LEU A 349 -6.67 -22.93 -1.96
N PRO A 350 -5.72 -23.15 -1.05
CA PRO A 350 -5.69 -24.43 -0.32
C PRO A 350 -6.95 -24.63 0.52
N GLU A 351 -7.35 -25.89 0.64
CA GLU A 351 -8.56 -26.23 1.40
C GLU A 351 -8.43 -25.80 2.86
N LYS A 352 -7.21 -25.79 3.40
CA LYS A 352 -7.02 -25.29 4.76
C LYS A 352 -7.37 -23.81 4.86
N VAL A 353 -7.18 -23.06 3.78
CA VAL A 353 -7.54 -21.64 3.81
C VAL A 353 -9.04 -21.45 3.62
N LEU A 354 -9.65 -22.18 2.69
CA LEU A 354 -11.07 -22.01 2.43
C LEU A 354 -11.92 -22.41 3.62
N GLN A 355 -11.48 -23.40 4.39
CA GLN A 355 -12.26 -23.89 5.52
C GLN A 355 -11.93 -23.21 6.84
N GLN A 356 -10.75 -22.60 6.97
CA GLN A 356 -10.37 -22.01 8.24
C GLN A 356 -11.24 -20.81 8.56
N ARG A 357 -11.70 -20.74 9.80
CA ARG A 357 -12.38 -19.57 10.32
C ARG A 357 -11.38 -18.49 10.72
N PRO A 358 -11.76 -17.22 10.61
CA PRO A 358 -10.88 -16.15 11.12
C PRO A 358 -10.69 -16.28 12.62
N ASN A 359 -9.50 -15.94 13.10
CA ASN A 359 -9.23 -15.99 14.52
C ASN A 359 -10.00 -14.90 15.25
N ALA A 360 -10.25 -15.13 16.53
CA ALA A 360 -11.13 -14.25 17.30
C ALA A 360 -10.62 -12.82 17.36
N ASN A 361 -9.29 -12.64 17.29
CA ASN A 361 -8.75 -11.28 17.26
C ASN A 361 -9.15 -10.55 15.99
N ALA A 362 -9.08 -11.24 14.84
CA ALA A 362 -9.53 -10.64 13.60
C ALA A 362 -11.04 -10.39 13.60
N VAL A 363 -11.81 -11.28 14.26
CA VAL A 363 -13.24 -11.07 14.32
C VAL A 363 -13.59 -9.87 15.17
N ARG A 364 -12.91 -9.71 16.31
CA ARG A 364 -13.15 -8.54 17.14
C ARG A 364 -12.73 -7.25 16.43
N SER A 365 -11.72 -7.33 15.58
CA SER A 365 -11.29 -6.14 14.85
C SER A 365 -12.27 -5.77 13.75
N MET A 366 -12.73 -6.77 12.97
CA MET A 366 -13.67 -6.49 11.89
C MET A 366 -15.00 -5.98 12.43
N GLU A 367 -15.51 -6.60 13.50
CA GLU A 367 -16.77 -6.16 14.08
C GLU A 367 -16.66 -4.77 14.69
N LYS A 368 -15.49 -4.43 15.25
CA LYS A 368 -15.30 -3.08 15.77
C LYS A 368 -15.26 -2.06 14.64
N VAL A 369 -14.66 -2.42 13.50
CA VAL A 369 -14.64 -1.53 12.34
C VAL A 369 -16.04 -1.43 11.74
N MET A 370 -16.75 -2.55 11.64
CA MET A 370 -18.11 -2.53 11.12
C MET A 370 -19.05 -1.74 12.02
N GLU A 371 -18.83 -1.77 13.34
CA GLU A 371 -19.71 -1.03 14.25
C GLU A 371 -19.58 0.47 14.03
N ILE A 372 -18.41 0.95 13.62
CA ILE A 372 -18.21 2.38 13.43
C ILE A 372 -18.71 2.81 12.06
N HIS A 373 -18.38 2.05 11.02
CA HIS A 373 -18.70 2.45 9.65
C HIS A 373 -20.08 2.01 9.17
N SER A 374 -20.81 1.23 9.96
CA SER A 374 -22.20 0.96 9.61
C SER A 374 -23.03 2.24 9.67
N LYS A 375 -22.60 3.21 10.46
CA LYS A 375 -23.28 4.50 10.51
C LYS A 375 -23.22 5.24 9.18
N TYR A 376 -22.17 5.00 8.39
CA TYR A 376 -21.94 5.77 7.18
C TYR A 376 -22.24 5.02 5.89
N TRP A 377 -22.11 3.69 5.88
CA TRP A 377 -22.30 2.89 4.67
C TRP A 377 -23.51 1.97 4.88
N ARG A 378 -24.55 2.21 4.09
CA ARG A 378 -25.82 1.52 4.31
C ARG A 378 -25.72 0.02 4.08
N CYS A 379 -24.83 -0.42 3.18
CA CYS A 379 -24.75 -1.84 2.87
C CYS A 379 -23.86 -2.61 3.84
N LEU A 380 -23.26 -1.94 4.82
CA LEU A 380 -22.59 -2.64 5.92
C LEU A 380 -23.57 -3.17 6.95
N GLN A 381 -24.70 -3.72 6.50
CA GLN A 381 -25.69 -4.38 7.33
C GLN A 381 -25.82 -5.86 7.01
N ARG A 382 -25.69 -6.23 5.73
CA ARG A 382 -25.78 -7.63 5.34
C ARG A 382 -24.64 -8.45 5.93
N THR A 383 -23.46 -7.85 6.09
CA THR A 383 -22.29 -8.54 6.61
C THR A 383 -22.15 -8.43 8.12
N THR A 384 -23.06 -7.74 8.81
CA THR A 384 -23.03 -7.62 10.27
C THR A 384 -24.03 -8.60 10.86
N SER A 385 -23.52 -9.67 11.46
CA SER A 385 -22.09 -9.89 11.55
C SER A 385 -21.70 -11.29 11.08
N THR A 386 -21.21 -11.38 9.85
CA THR A 386 -20.71 -12.62 9.27
C THR A 386 -19.19 -12.70 9.34
N ALA A 387 -18.56 -11.86 10.16
CA ALA A 387 -17.11 -11.74 10.16
C ALA A 387 -16.42 -13.04 10.58
N GLY A 388 -17.07 -13.85 11.42
CA GLY A 388 -16.44 -15.07 11.89
C GLY A 388 -16.54 -16.26 10.96
N ARG A 389 -17.31 -16.15 9.89
CA ARG A 389 -17.49 -17.27 8.98
C ARG A 389 -16.24 -17.51 8.15
N SER A 390 -15.98 -18.79 7.87
CA SER A 390 -14.99 -19.17 6.87
C SER A 390 -15.54 -18.92 5.47
N LEU A 391 -14.63 -18.80 4.51
CA LEU A 391 -15.04 -18.47 3.15
C LEU A 391 -15.98 -19.52 2.57
N ILE A 392 -15.81 -20.79 2.94
CA ILE A 392 -16.75 -21.82 2.49
C ILE A 392 -18.09 -21.65 3.18
N GLU A 393 -18.09 -21.30 4.47
CA GLU A 393 -19.34 -21.08 5.19
C GLU A 393 -20.09 -19.88 4.66
N ALA A 394 -19.38 -18.85 4.20
CA ALA A 394 -20.05 -17.69 3.62
C ALA A 394 -20.62 -18.00 2.25
N GLN A 395 -19.92 -18.82 1.46
CA GLN A 395 -20.45 -19.26 0.18
C GLN A 395 -21.66 -20.18 0.37
N THR A 396 -21.74 -20.85 1.52
CA THR A 396 -22.89 -21.69 1.80
C THR A 396 -24.14 -20.85 2.05
N CYS A 397 -24.03 -19.85 2.94
CA CYS A 397 -25.20 -19.05 3.30
C CYS A 397 -25.65 -18.13 2.16
N GLU A 398 -24.74 -17.73 1.27
CA GLU A 398 -25.13 -16.84 0.18
C GLU A 398 -25.87 -17.55 -0.94
N ASN A 399 -25.86 -18.88 -0.95
CA ASN A 399 -26.62 -19.65 -1.93
C ASN A 399 -28.04 -19.91 -1.41
N GLU B 1 9.67 8.96 20.00
CA GLU B 1 10.49 8.49 18.90
C GLU B 1 10.36 6.98 18.72
N GLY B 2 9.67 6.56 17.67
CA GLY B 2 9.54 5.16 17.34
C GLY B 2 10.14 4.81 15.99
N SER B 3 10.39 3.54 15.74
CA SER B 3 11.09 3.12 14.53
C SER B 3 10.28 2.08 13.77
N ILE B 4 10.32 2.17 12.44
CA ILE B 4 9.73 1.13 11.61
C ILE B 4 10.59 -0.13 11.61
N THR B 5 11.91 0.01 11.81
CA THR B 5 12.78 -1.16 11.86
C THR B 5 12.45 -2.05 13.05
N GLN B 6 12.06 -1.47 14.18
CA GLN B 6 11.76 -2.22 15.38
C GLN B 6 10.27 -2.47 15.58
N GLY B 7 9.41 -1.88 14.76
CA GLY B 7 7.98 -1.95 15.01
C GLY B 7 7.49 -1.04 16.10
N THR B 8 8.31 -0.09 16.55
CA THR B 8 7.98 0.76 17.67
C THR B 8 7.17 1.96 17.19
N PRO B 9 5.96 2.19 17.70
CA PRO B 9 5.17 3.34 17.26
C PRO B 9 5.81 4.67 17.64
N LEU B 10 5.56 5.66 16.79
CA LEU B 10 5.89 7.04 17.15
C LEU B 10 5.04 7.48 18.33
N LYS B 11 5.64 8.22 19.24
CA LYS B 11 4.90 8.75 20.38
C LYS B 11 5.63 9.97 20.92
N TYR B 12 4.89 10.82 21.62
CA TYR B 12 5.41 12.09 22.10
C TYR B 12 5.24 12.21 23.61
K K C . -2.10 -0.28 5.29
K K D . -10.93 10.44 2.56
ZN ZN E . 5.07 -1.29 5.36
ZN ZN F . 23.74 3.31 6.53
#